data_9JN8
#
_entry.id   9JN8
#
_cell.length_a   60.040
_cell.length_b   60.040
_cell.length_c   277.200
_cell.angle_alpha   90.00
_cell.angle_beta   90.00
_cell.angle_gamma   90.00
#
_symmetry.space_group_name_H-M   'P 41 2 2'
#
loop_
_entity.id
_entity.type
_entity.pdbx_description
1 polymer ORF378
2 non-polymer 'FE2/S2 (INORGANIC) CLUSTER'
3 water water
#
_entity_poly.entity_id   1
_entity_poly.type   'polypeptide(L)'
_entity_poly.pdbx_seq_one_letter_code
;MATTLHVCTTCRGTAAAPLAEEAGPRPGELLAHALSALPVPEGVTVVPVECLSACTQGCAVALSGPGKWSYVYGRLDPRD
ADTILTGAAQFEAAEKGLIPWRERPEIFRKQCLARIPPQIVPSQELEHHHHHH
;
_entity_poly.pdbx_strand_id   A,B,C
#
loop_
_chem_comp.id
_chem_comp.type
_chem_comp.name
_chem_comp.formula
FES non-polymer 'FE2/S2 (INORGANIC) CLUSTER' 'Fe2 S2'
#
# COMPACT_ATOMS: atom_id res chain seq x y z
N ALA A 2 -13.16 -12.90 10.27
CA ALA A 2 -14.26 -12.03 9.85
C ALA A 2 -14.09 -11.61 8.40
N THR A 3 -14.93 -12.16 7.53
CA THR A 3 -14.90 -11.88 6.10
C THR A 3 -16.07 -10.98 5.73
N THR A 4 -15.77 -9.91 4.98
CA THR A 4 -16.79 -9.03 4.44
C THR A 4 -16.86 -9.21 2.93
N LEU A 5 -18.06 -9.48 2.43
CA LEU A 5 -18.33 -9.59 1.00
C LEU A 5 -19.10 -8.33 0.60
N HIS A 6 -18.40 -7.38 -0.01
CA HIS A 6 -19.07 -6.20 -0.57
C HIS A 6 -19.65 -6.56 -1.92
N VAL A 7 -20.89 -6.17 -2.16
CA VAL A 7 -21.55 -6.42 -3.44
C VAL A 7 -22.04 -5.08 -3.98
N CYS A 8 -21.62 -4.74 -5.19
CA CYS A 8 -22.07 -3.49 -5.80
C CYS A 8 -23.51 -3.62 -6.27
N THR A 9 -24.35 -2.67 -5.84
CA THR A 9 -25.75 -2.67 -6.22
C THR A 9 -26.05 -1.82 -7.45
N THR A 10 -25.06 -1.09 -7.99
CA THR A 10 -25.29 -0.27 -9.17
C THR A 10 -24.87 -0.95 -10.46
N CYS A 11 -24.09 -2.02 -10.36
CA CYS A 11 -23.45 -2.63 -11.51
C CYS A 11 -24.44 -2.95 -12.62
N ARG A 12 -24.05 -2.60 -13.84
CA ARG A 12 -24.68 -3.13 -15.04
C ARG A 12 -23.83 -4.27 -15.59
N GLY A 13 -24.45 -5.10 -16.43
CA GLY A 13 -23.74 -6.17 -17.10
C GLY A 13 -22.72 -5.65 -18.10
N THR A 14 -21.97 -6.58 -18.69
CA THR A 14 -20.90 -6.24 -19.64
C THR A 14 -21.39 -6.12 -21.08
N ALA A 15 -22.69 -6.28 -21.32
CA ALA A 15 -23.24 -6.11 -22.66
C ALA A 15 -23.13 -4.66 -23.10
N ALA A 16 -23.01 -4.47 -24.42
CA ALA A 16 -22.91 -3.12 -25.00
C ALA A 16 -24.22 -2.37 -24.80
N ALA A 17 -24.20 -1.36 -23.92
CA ALA A 17 -25.41 -0.62 -23.56
C ALA A 17 -26.20 -0.09 -24.75
N PRO A 18 -25.59 0.59 -25.74
CA PRO A 18 -26.40 1.03 -26.89
C PRO A 18 -27.02 -0.11 -27.68
N LEU A 19 -26.49 -1.33 -27.56
CA LEU A 19 -27.00 -2.44 -28.34
C LEU A 19 -27.89 -3.39 -27.54
N ALA A 20 -27.78 -3.39 -26.22
CA ALA A 20 -28.50 -4.36 -25.39
C ALA A 20 -29.96 -3.96 -25.22
N GLU A 21 -30.80 -4.97 -25.02
CA GLU A 21 -32.26 -4.78 -24.97
C GLU A 21 -32.66 -4.31 -23.58
N GLU A 22 -33.11 -3.04 -23.50
CA GLU A 22 -33.79 -2.49 -22.33
C GLU A 22 -32.95 -2.56 -21.06
N ALA A 23 -33.61 -2.33 -19.92
CA ALA A 23 -32.93 -2.32 -18.63
C ALA A 23 -33.57 -3.28 -17.64
N GLY A 24 -34.51 -2.78 -16.84
CA GLY A 24 -34.99 -3.52 -15.69
C GLY A 24 -34.11 -3.24 -14.49
N PRO A 25 -34.29 -4.00 -13.41
CA PRO A 25 -33.43 -3.81 -12.24
C PRO A 25 -31.96 -4.11 -12.57
N ARG A 26 -31.08 -3.35 -11.93
CA ARG A 26 -29.66 -3.48 -12.20
C ARG A 26 -29.18 -4.88 -11.83
N PRO A 27 -28.35 -5.51 -12.66
CA PRO A 27 -27.80 -6.83 -12.30
C PRO A 27 -27.14 -6.84 -10.93
N GLY A 28 -26.38 -5.79 -10.59
CA GLY A 28 -25.80 -5.71 -9.26
C GLY A 28 -26.84 -5.77 -8.17
N GLU A 29 -28.00 -5.14 -8.40
CA GLU A 29 -29.10 -5.24 -7.45
C GLU A 29 -29.68 -6.64 -7.41
N LEU A 30 -29.76 -7.31 -8.56
CA LEU A 30 -30.23 -8.69 -8.60
C LEU A 30 -29.22 -9.63 -7.92
N LEU A 31 -27.92 -9.36 -8.08
CA LEU A 31 -26.92 -10.17 -7.40
C LEU A 31 -26.99 -9.98 -5.89
N ALA A 32 -27.11 -8.74 -5.44
CA ALA A 32 -27.23 -8.47 -4.01
C ALA A 32 -28.42 -9.21 -3.42
N HIS A 33 -29.57 -9.13 -4.08
CA HIS A 33 -30.75 -9.84 -3.58
C HIS A 33 -30.52 -11.35 -3.55
N ALA A 34 -29.91 -11.89 -4.60
CA ALA A 34 -29.63 -13.32 -4.63
C ALA A 34 -28.71 -13.73 -3.48
N LEU A 35 -27.70 -12.90 -3.17
CA LEU A 35 -26.81 -13.22 -2.07
C LEU A 35 -27.55 -13.18 -0.74
N SER A 36 -28.48 -12.24 -0.57
CA SER A 36 -29.23 -12.12 0.69
C SER A 36 -30.26 -13.24 0.85
N ALA A 37 -30.72 -13.85 -0.23
CA ALA A 37 -31.70 -14.93 -0.11
C ALA A 37 -31.05 -16.22 0.38
N LEU A 38 -29.77 -16.41 0.09
CA LEU A 38 -29.09 -17.64 0.43
C LEU A 38 -28.57 -17.59 1.86
N PRO A 39 -28.33 -18.75 2.47
CA PRO A 39 -27.76 -18.78 3.83
C PRO A 39 -26.35 -18.22 3.81
N VAL A 40 -26.12 -17.19 4.62
CA VAL A 40 -24.82 -16.55 4.67
C VAL A 40 -23.92 -17.36 5.59
N PRO A 41 -22.76 -17.83 5.11
CA PRO A 41 -21.91 -18.70 5.92
C PRO A 41 -21.40 -18.01 7.17
N GLU A 42 -21.02 -18.82 8.15
CA GLU A 42 -20.37 -18.30 9.34
C GLU A 42 -19.09 -17.59 8.96
N GLY A 43 -18.86 -16.43 9.57
CA GLY A 43 -17.69 -15.61 9.30
C GLY A 43 -17.86 -14.61 8.18
N VAL A 44 -18.88 -14.77 7.34
CA VAL A 44 -19.11 -13.90 6.19
C VAL A 44 -20.26 -12.95 6.50
N THR A 45 -20.11 -11.70 6.09
CA THR A 45 -21.15 -10.68 6.17
C THR A 45 -21.26 -10.01 4.81
N VAL A 46 -22.47 -10.02 4.23
CA VAL A 46 -22.68 -9.42 2.92
C VAL A 46 -23.07 -7.96 3.12
N VAL A 47 -22.31 -7.05 2.50
CA VAL A 47 -22.54 -5.62 2.66
C VAL A 47 -22.70 -4.96 1.29
N PRO A 48 -23.88 -4.45 0.96
CA PRO A 48 -24.04 -3.74 -0.31
C PRO A 48 -23.28 -2.42 -0.32
N VAL A 49 -22.83 -2.02 -1.52
CA VAL A 49 -22.14 -0.75 -1.74
C VAL A 49 -22.66 -0.15 -3.05
N GLU A 50 -22.50 1.18 -3.17
CA GLU A 50 -23.00 1.85 -4.37
C GLU A 50 -22.08 1.63 -5.57
N CYS A 51 -20.79 1.41 -5.35
CA CYS A 51 -19.85 1.28 -6.46
C CYS A 51 -18.48 0.80 -5.99
N LEU A 52 -17.90 -0.17 -6.69
CA LEU A 52 -16.54 -0.63 -6.41
C LEU A 52 -15.55 -0.15 -7.46
N SER A 53 -15.90 0.90 -8.21
CA SER A 53 -15.07 1.47 -9.28
C SER A 53 -14.56 0.43 -10.25
N ALA A 54 -15.30 -0.66 -10.43
CA ALA A 54 -15.02 -1.69 -11.41
C ALA A 54 -16.17 -1.80 -12.40
N CYS A 55 -16.73 -0.64 -12.77
CA CYS A 55 -18.02 -0.59 -13.47
C CYS A 55 -17.97 -1.29 -14.81
N THR A 56 -16.82 -1.29 -15.49
CA THR A 56 -16.74 -1.92 -16.79
C THR A 56 -16.73 -3.44 -16.70
N GLN A 57 -16.64 -3.98 -15.48
CA GLN A 57 -16.59 -5.42 -15.28
C GLN A 57 -17.68 -5.89 -14.32
N GLY A 58 -18.90 -5.41 -14.52
CA GLY A 58 -20.00 -5.84 -13.67
C GLY A 58 -20.45 -7.25 -14.00
N CYS A 59 -20.99 -7.93 -13.00
CA CYS A 59 -21.15 -7.42 -11.63
C CYS A 59 -19.87 -7.60 -10.83
N ALA A 60 -19.64 -6.69 -9.89
CA ALA A 60 -18.42 -6.67 -9.09
C ALA A 60 -18.72 -6.93 -7.62
N VAL A 61 -17.85 -7.71 -6.97
CA VAL A 61 -17.90 -7.93 -5.53
C VAL A 61 -16.47 -7.88 -5.02
N ALA A 62 -16.34 -7.70 -3.71
CA ALA A 62 -15.03 -7.64 -3.06
C ALA A 62 -15.05 -8.48 -1.80
N LEU A 63 -13.91 -9.09 -1.51
CA LEU A 63 -13.69 -9.87 -0.30
C LEU A 63 -12.55 -9.26 0.48
N SER A 64 -12.76 -9.04 1.78
CA SER A 64 -11.70 -8.51 2.62
C SER A 64 -11.97 -8.92 4.06
N GLY A 65 -10.92 -8.81 4.86
CA GLY A 65 -10.99 -9.10 6.28
C GLY A 65 -9.69 -8.74 6.95
N PRO A 66 -9.74 -8.50 8.26
CA PRO A 66 -8.52 -8.13 8.99
C PRO A 66 -7.45 -9.19 8.85
N GLY A 67 -6.24 -8.77 8.47
CA GLY A 67 -5.12 -9.66 8.31
C GLY A 67 -5.15 -10.53 7.07
N LYS A 68 -6.12 -10.34 6.19
CA LYS A 68 -6.24 -11.11 4.97
C LYS A 68 -5.99 -10.22 3.76
N TRP A 69 -5.62 -10.86 2.65
CA TRP A 69 -5.61 -10.18 1.37
C TRP A 69 -7.01 -9.71 1.01
N SER A 70 -7.08 -8.64 0.23
CA SER A 70 -8.34 -8.17 -0.32
C SER A 70 -8.43 -8.60 -1.78
N TYR A 71 -9.64 -8.91 -2.24
CA TYR A 71 -9.87 -9.34 -3.61
C TYR A 71 -11.05 -8.60 -4.20
N VAL A 72 -10.98 -8.34 -5.50
CA VAL A 72 -12.11 -7.82 -6.26
C VAL A 72 -12.35 -8.75 -7.43
N TYR A 73 -13.58 -9.20 -7.60
CA TYR A 73 -13.96 -10.05 -8.72
C TYR A 73 -15.05 -9.35 -9.52
N GLY A 74 -15.05 -9.56 -10.85
CA GLY A 74 -16.04 -8.94 -11.69
C GLY A 74 -16.62 -9.83 -12.78
N ARG A 75 -17.41 -9.23 -13.68
CA ARG A 75 -18.08 -9.96 -14.75
C ARG A 75 -18.96 -11.08 -14.20
N LEU A 76 -19.43 -10.91 -12.96
CA LEU A 76 -20.28 -11.88 -12.31
C LEU A 76 -21.74 -11.67 -12.70
N ASP A 77 -22.52 -12.72 -12.51
CA ASP A 77 -23.94 -12.74 -12.78
C ASP A 77 -24.68 -13.08 -11.49
N PRO A 78 -25.94 -12.67 -11.36
CA PRO A 78 -26.70 -13.04 -10.17
C PRO A 78 -26.73 -14.53 -9.90
N ARG A 79 -26.74 -15.36 -10.96
CA ARG A 79 -26.73 -16.80 -10.78
C ARG A 79 -25.43 -17.31 -10.16
N ASP A 80 -24.39 -16.48 -10.11
CA ASP A 80 -23.14 -16.87 -9.45
C ASP A 80 -23.21 -16.74 -7.93
N ALA A 81 -24.34 -16.28 -7.39
CA ALA A 81 -24.46 -15.96 -5.97
C ALA A 81 -24.02 -17.12 -5.08
N ASP A 82 -24.51 -18.33 -5.39
CA ASP A 82 -24.18 -19.48 -4.56
C ASP A 82 -22.68 -19.79 -4.61
N THR A 83 -22.09 -19.74 -5.80
CA THR A 83 -20.64 -19.94 -5.91
C THR A 83 -19.87 -18.83 -5.21
N ILE A 84 -20.39 -17.61 -5.21
CA ILE A 84 -19.69 -16.50 -4.54
C ILE A 84 -19.65 -16.74 -3.03
N LEU A 85 -20.77 -17.19 -2.46
CA LEU A 85 -20.82 -17.45 -1.02
C LEU A 85 -19.94 -18.62 -0.63
N THR A 86 -19.91 -19.66 -1.46
CA THR A 86 -18.96 -20.75 -1.26
C THR A 86 -17.53 -20.22 -1.29
N GLY A 87 -17.23 -19.37 -2.27
CA GLY A 87 -15.91 -18.75 -2.32
C GLY A 87 -15.61 -17.93 -1.09
N ALA A 88 -16.61 -17.20 -0.58
CA ALA A 88 -16.38 -16.35 0.59
C ALA A 88 -16.07 -17.20 1.81
N ALA A 89 -16.72 -18.36 1.93
CA ALA A 89 -16.43 -19.30 3.00
C ALA A 89 -15.00 -19.82 2.90
N GLN A 90 -14.58 -20.24 1.70
CA GLN A 90 -13.20 -20.64 1.51
C GLN A 90 -12.25 -19.50 1.86
N PHE A 91 -12.63 -18.27 1.55
CA PHE A 91 -11.81 -17.11 1.90
C PHE A 91 -11.69 -16.98 3.42
N GLU A 92 -12.78 -17.19 4.15
CA GLU A 92 -12.73 -17.06 5.60
C GLU A 92 -11.86 -18.14 6.22
N ALA A 93 -11.93 -19.36 5.70
CA ALA A 93 -11.13 -20.45 6.27
C ALA A 93 -9.66 -20.31 5.94
N ALA A 94 -9.33 -19.78 4.76
CA ALA A 94 -7.96 -19.81 4.26
C ALA A 94 -7.04 -18.93 5.09
N GLU A 95 -5.79 -19.35 5.18
CA GLU A 95 -4.76 -18.55 5.85
C GLU A 95 -4.50 -17.27 5.06
N LYS A 96 -4.74 -16.12 5.70
CA LYS A 96 -4.59 -14.81 5.10
C LYS A 96 -5.51 -14.59 3.91
N GLY A 97 -6.58 -15.38 3.80
CA GLY A 97 -7.45 -15.30 2.65
C GLY A 97 -6.92 -15.94 1.39
N LEU A 98 -5.75 -16.58 1.46
CA LEU A 98 -5.11 -17.19 0.29
C LEU A 98 -5.65 -18.61 0.12
N ILE A 99 -6.66 -18.76 -0.73
CA ILE A 99 -7.21 -20.08 -1.04
C ILE A 99 -6.23 -20.81 -1.96
N PRO A 100 -5.93 -22.08 -1.73
CA PRO A 100 -5.12 -22.83 -2.69
C PRO A 100 -5.74 -22.76 -4.08
N TRP A 101 -4.87 -22.51 -5.08
CA TRP A 101 -5.36 -22.15 -6.41
C TRP A 101 -6.31 -23.19 -6.97
N ARG A 102 -5.94 -24.47 -6.89
CA ARG A 102 -6.78 -25.51 -7.46
C ARG A 102 -8.09 -25.70 -6.71
N GLU A 103 -8.23 -25.12 -5.52
CA GLU A 103 -9.46 -25.21 -4.75
C GLU A 103 -10.38 -24.02 -4.94
N ARG A 104 -9.90 -22.96 -5.60
CA ARG A 104 -10.72 -21.78 -5.82
C ARG A 104 -11.79 -22.07 -6.87
N PRO A 105 -13.00 -21.54 -6.71
CA PRO A 105 -14.00 -21.62 -7.77
C PRO A 105 -13.50 -20.96 -9.04
N GLU A 106 -14.02 -21.45 -10.18
CA GLU A 106 -13.51 -21.01 -11.48
C GLU A 106 -13.64 -19.50 -11.65
N ILE A 107 -14.72 -18.91 -11.12
CA ILE A 107 -14.89 -17.45 -11.23
C ILE A 107 -13.80 -16.72 -10.47
N PHE A 108 -13.31 -17.29 -9.36
CA PHE A 108 -12.25 -16.62 -8.62
C PHE A 108 -10.91 -16.69 -9.36
N ARG A 109 -10.68 -17.77 -10.12
CA ARG A 109 -9.42 -17.92 -10.85
C ARG A 109 -9.41 -17.07 -12.11
N LYS A 110 -10.52 -17.03 -12.85
CA LYS A 110 -10.55 -16.39 -14.15
C LYS A 110 -11.05 -14.95 -14.12
N GLN A 111 -11.81 -14.57 -13.09
CA GLN A 111 -12.49 -13.27 -13.12
C GLN A 111 -12.06 -12.37 -11.96
N CYS A 112 -10.88 -12.59 -11.40
CA CYS A 112 -10.34 -11.69 -10.39
C CYS A 112 -9.78 -10.45 -11.09
N LEU A 113 -10.13 -9.27 -10.57
CA LEU A 113 -9.72 -8.00 -11.15
C LEU A 113 -8.53 -7.40 -10.45
N ALA A 114 -8.34 -7.69 -9.16
CA ALA A 114 -7.27 -7.12 -8.36
C ALA A 114 -7.20 -7.84 -7.03
N ARG A 115 -6.01 -7.86 -6.45
CA ARG A 115 -5.82 -8.26 -5.06
C ARG A 115 -4.89 -7.25 -4.40
N ILE A 116 -5.04 -7.11 -3.08
CA ILE A 116 -4.27 -6.14 -2.30
C ILE A 116 -3.67 -6.84 -1.10
N PRO A 117 -2.40 -6.63 -0.80
CA PRO A 117 -1.79 -7.28 0.36
C PRO A 117 -2.52 -6.88 1.64
N PRO A 118 -2.46 -7.72 2.67
CA PRO A 118 -3.17 -7.39 3.92
C PRO A 118 -2.58 -6.15 4.58
N GLN A 119 -3.45 -5.36 5.19
CA GLN A 119 -3.04 -4.10 5.82
C GLN A 119 -2.21 -4.36 7.08
N ALA B 2 -1.31 6.98 7.51
CA ALA B 2 -0.21 6.32 6.83
C ALA B 2 -0.72 5.61 5.58
N THR B 3 0.08 5.68 4.50
CA THR B 3 -0.33 5.25 3.18
C THR B 3 0.73 4.31 2.62
N THR B 4 0.30 3.16 2.11
CA THR B 4 1.18 2.22 1.42
C THR B 4 0.87 2.22 -0.05
N LEU B 5 1.89 2.41 -0.88
CA LEU B 5 1.76 2.34 -2.33
C LEU B 5 2.45 1.05 -2.77
N HIS B 6 1.65 0.02 -3.08
CA HIS B 6 2.18 -1.21 -3.64
C HIS B 6 2.35 -1.05 -5.14
N VAL B 7 3.45 -1.55 -5.67
CA VAL B 7 3.73 -1.49 -7.10
C VAL B 7 4.14 -2.86 -7.58
N CYS B 8 3.50 -3.34 -8.64
CA CYS B 8 3.81 -4.67 -9.14
C CYS B 8 5.07 -4.65 -9.99
N THR B 9 6.02 -5.52 -9.64
CA THR B 9 7.29 -5.61 -10.36
C THR B 9 7.25 -6.60 -11.50
N THR B 10 6.16 -7.37 -11.65
CA THR B 10 6.03 -8.38 -12.70
C THR B 10 5.29 -7.88 -13.93
N CYS B 11 4.59 -6.75 -13.82
CA CYS B 11 3.70 -6.29 -14.88
C CYS B 11 4.43 -6.13 -16.21
N ARG B 12 3.79 -6.58 -17.27
CA ARG B 12 4.11 -6.13 -18.62
C ARG B 12 3.01 -5.17 -19.09
N GLY B 13 3.33 -4.38 -20.12
CA GLY B 13 2.38 -3.44 -20.68
C GLY B 13 1.14 -4.09 -21.26
N THR B 14 0.22 -3.27 -21.78
CA THR B 14 -1.02 -3.77 -22.37
C THR B 14 -0.88 -4.08 -23.86
N ALA B 15 0.32 -4.00 -24.41
CA ALA B 15 0.55 -4.28 -25.82
C ALA B 15 0.44 -5.78 -26.09
N ALA B 16 0.01 -6.12 -27.30
CA ALA B 16 -0.18 -7.50 -27.71
C ALA B 16 1.15 -8.25 -27.72
N ALA B 17 1.33 -9.16 -26.76
CA ALA B 17 2.58 -9.90 -26.61
C ALA B 17 3.03 -10.60 -27.89
N PRO B 18 2.19 -11.34 -28.63
CA PRO B 18 2.69 -12.00 -29.84
C PRO B 18 3.08 -11.03 -30.95
N LEU B 19 2.62 -9.79 -30.91
CA LEU B 19 2.85 -8.83 -31.98
C LEU B 19 3.92 -7.79 -31.67
N ALA B 20 4.27 -7.62 -30.39
CA ALA B 20 5.14 -6.53 -29.97
C ALA B 20 6.62 -6.85 -30.19
N GLU B 21 7.46 -6.33 -29.30
CA GLU B 21 8.89 -6.62 -29.31
C GLU B 21 9.21 -7.45 -28.07
N GLU B 22 10.16 -7.05 -27.23
CA GLU B 22 10.44 -7.74 -25.97
C GLU B 22 11.03 -6.77 -24.97
N ALA B 23 11.55 -5.66 -25.46
CA ALA B 23 12.18 -4.64 -24.62
C ALA B 23 13.23 -5.22 -23.70
N GLY B 24 13.43 -4.53 -22.58
CA GLY B 24 14.38 -4.96 -21.59
C GLY B 24 13.68 -5.56 -20.38
N PRO B 25 13.81 -4.89 -19.24
CA PRO B 25 13.07 -5.33 -18.06
C PRO B 25 11.58 -5.12 -18.23
N ARG B 26 10.82 -5.79 -17.39
CA ARG B 26 9.38 -5.65 -17.44
C ARG B 26 8.98 -4.24 -17.00
N PRO B 27 7.97 -3.64 -17.63
CA PRO B 27 7.57 -2.27 -17.25
C PRO B 27 7.27 -2.11 -15.77
N GLY B 28 6.70 -3.13 -15.13
CA GLY B 28 6.46 -3.06 -13.70
C GLY B 28 7.73 -2.93 -12.90
N GLU B 29 8.82 -3.56 -13.37
CA GLU B 29 10.13 -3.32 -12.76
C GLU B 29 10.55 -1.87 -12.94
N LEU B 30 10.47 -1.37 -14.17
CA LEU B 30 10.87 0.01 -14.43
C LEU B 30 10.03 0.98 -13.61
N LEU B 31 8.72 0.72 -13.48
CA LEU B 31 7.88 1.61 -12.71
C LEU B 31 8.28 1.58 -11.23
N ALA B 32 8.55 0.39 -10.68
CA ALA B 32 9.00 0.30 -9.29
C ALA B 32 10.29 1.07 -9.07
N HIS B 33 11.26 0.95 -9.99
CA HIS B 33 12.52 1.66 -9.86
CA HIS B 33 12.51 1.67 -9.83
C HIS B 33 12.32 3.17 -9.97
N ALA B 34 11.43 3.61 -10.87
CA ALA B 34 11.17 5.03 -11.00
C ALA B 34 10.54 5.60 -9.73
N LEU B 35 9.60 4.87 -9.12
CA LEU B 35 8.98 5.33 -7.89
C LEU B 35 10.00 5.46 -6.77
N SER B 36 10.87 4.47 -6.62
CA SER B 36 11.79 4.47 -5.50
C SER B 36 12.89 5.51 -5.67
N ALA B 37 13.16 5.95 -6.90
CA ALA B 37 14.18 6.96 -7.14
C ALA B 37 13.67 8.37 -6.86
N LEU B 38 12.36 8.59 -7.00
CA LEU B 38 11.78 9.91 -6.80
C LEU B 38 11.55 10.18 -5.31
N PRO B 39 11.55 11.45 -4.92
CA PRO B 39 11.22 11.79 -3.53
C PRO B 39 9.81 11.35 -3.17
N VAL B 40 9.67 10.83 -1.96
CA VAL B 40 8.40 10.26 -1.49
C VAL B 40 7.75 11.26 -0.53
N PRO B 41 6.48 11.60 -0.72
CA PRO B 41 5.81 12.48 0.24
C PRO B 41 5.74 11.86 1.63
N GLU B 42 5.56 12.72 2.62
CA GLU B 42 5.47 12.27 4.01
C GLU B 42 4.31 11.29 4.17
N GLY B 43 4.51 10.27 5.00
CA GLY B 43 3.46 9.32 5.32
C GLY B 43 3.20 8.28 4.26
N VAL B 44 4.02 8.22 3.22
CA VAL B 44 3.84 7.30 2.10
C VAL B 44 5.02 6.36 2.06
N THR B 45 4.75 5.08 1.80
CA THR B 45 5.75 4.03 1.70
C THR B 45 5.53 3.28 0.39
N VAL B 46 6.58 3.15 -0.41
CA VAL B 46 6.52 2.38 -1.65
C VAL B 46 6.93 0.95 -1.34
N VAL B 47 6.01 0.01 -1.59
CA VAL B 47 6.26 -1.40 -1.32
C VAL B 47 6.16 -2.19 -2.62
N PRO B 48 7.25 -2.79 -3.09
CA PRO B 48 7.17 -3.66 -4.26
C PRO B 48 6.44 -4.96 -3.93
N VAL B 49 5.60 -5.40 -4.86
CA VAL B 49 4.93 -6.68 -4.72
C VAL B 49 5.11 -7.44 -6.04
N GLU B 50 4.88 -8.75 -5.97
CA GLU B 50 5.10 -9.60 -7.13
C GLU B 50 3.93 -9.54 -8.11
N CYS B 51 2.70 -9.45 -7.61
CA CYS B 51 1.54 -9.46 -8.48
C CYS B 51 0.35 -8.90 -7.73
N LEU B 52 -0.41 -8.02 -8.39
CA LEU B 52 -1.65 -7.48 -7.84
C LEU B 52 -2.87 -8.09 -8.51
N SER B 53 -2.70 -9.21 -9.22
CA SER B 53 -3.77 -9.93 -9.90
C SER B 53 -4.57 -9.00 -10.82
N ALA B 54 -3.91 -7.97 -11.33
CA ALA B 54 -4.47 -7.09 -12.34
C ALA B 54 -3.62 -7.15 -13.60
N CYS B 55 -3.17 -8.36 -13.94
CA CYS B 55 -2.08 -8.53 -14.91
C CYS B 55 -2.47 -8.08 -16.30
N THR B 56 -3.76 -8.12 -16.64
CA THR B 56 -4.18 -7.67 -17.96
C THR B 56 -4.19 -6.15 -18.08
N GLN B 57 -3.96 -5.43 -16.99
CA GLN B 57 -4.03 -3.97 -16.93
C GLN B 57 -2.74 -3.38 -16.38
N GLY B 58 -1.59 -3.87 -16.84
CA GLY B 58 -0.32 -3.35 -16.37
C GLY B 58 0.01 -2.00 -16.99
N CYS B 59 0.81 -1.20 -16.29
CA CYS B 59 1.31 -1.51 -14.94
C CYS B 59 0.29 -1.19 -13.87
N ALA B 60 0.31 -1.97 -12.78
CA ALA B 60 -0.67 -1.84 -11.72
C ALA B 60 -0.01 -1.40 -10.42
N VAL B 61 -0.72 -0.56 -9.68
CA VAL B 61 -0.33 -0.14 -8.33
C VAL B 61 -1.59 -0.12 -7.48
N ALA B 62 -1.38 -0.15 -6.16
CA ALA B 62 -2.48 -0.07 -5.22
C ALA B 62 -2.15 0.95 -4.14
N LEU B 63 -3.18 1.63 -3.66
CA LEU B 63 -3.09 2.52 -2.51
C LEU B 63 -3.98 1.98 -1.40
N SER B 64 -3.45 1.95 -0.18
CA SER B 64 -4.25 1.56 0.97
C SER B 64 -3.66 2.21 2.21
N GLY B 65 -4.49 2.33 3.24
CA GLY B 65 -4.05 2.86 4.50
C GLY B 65 -5.14 2.67 5.55
N PRO B 66 -4.75 2.55 6.82
CA PRO B 66 -5.74 2.26 7.87
C PRO B 66 -6.82 3.33 7.91
N GLY B 67 -8.07 2.89 7.95
CA GLY B 67 -9.20 3.79 7.92
C GLY B 67 -9.51 4.40 6.58
N LYS B 68 -8.79 4.03 5.53
CA LYS B 68 -8.98 4.60 4.21
C LYS B 68 -9.55 3.56 3.25
N TRP B 69 -10.21 4.07 2.20
CA TRP B 69 -10.55 3.26 1.05
C TRP B 69 -9.28 2.69 0.43
N SER B 70 -9.38 1.50 -0.15
CA SER B 70 -8.30 0.93 -0.94
C SER B 70 -8.60 1.15 -2.42
N TYR B 71 -7.55 1.39 -3.20
CA TYR B 71 -7.69 1.61 -4.62
C TYR B 71 -6.63 0.82 -5.39
N VAL B 72 -7.00 0.38 -6.58
CA VAL B 72 -6.07 -0.24 -7.53
C VAL B 72 -6.17 0.53 -8.83
N TYR B 73 -5.03 0.93 -9.38
CA TYR B 73 -4.96 1.63 -10.65
C TYR B 73 -4.11 0.80 -11.62
N GLY B 74 -4.48 0.84 -12.90
CA GLY B 74 -3.82 0.03 -13.90
C GLY B 74 -3.50 0.81 -15.16
N ARG B 75 -2.96 0.07 -16.15
CA ARG B 75 -2.57 0.61 -17.45
C ARG B 75 -1.60 1.78 -17.31
N LEU B 76 -0.79 1.75 -16.26
CA LEU B 76 0.19 2.80 -15.98
C LEU B 76 1.50 2.52 -16.70
N ASP B 77 2.30 3.57 -16.82
CA ASP B 77 3.60 3.54 -17.46
C ASP B 77 4.66 4.02 -16.47
N PRO B 78 5.93 3.61 -16.65
CA PRO B 78 6.97 4.10 -15.73
C PRO B 78 7.04 5.62 -15.67
N ARG B 79 6.72 6.31 -16.77
CA ARG B 79 6.77 7.78 -16.74
C ARG B 79 5.68 8.40 -15.86
N ASP B 80 4.68 7.63 -15.44
CA ASP B 80 3.64 8.12 -14.54
C ASP B 80 4.09 8.17 -13.09
N ALA B 81 5.31 7.74 -12.79
CA ALA B 81 5.72 7.53 -11.39
C ALA B 81 5.50 8.77 -10.55
N ASP B 82 5.84 9.95 -11.06
CA ASP B 82 5.75 11.16 -10.25
C ASP B 82 4.28 11.55 -10.03
N THR B 83 3.43 11.38 -11.05
CA THR B 83 2.00 11.65 -10.85
C THR B 83 1.39 10.65 -9.87
N ILE B 84 1.83 9.39 -9.92
CA ILE B 84 1.35 8.39 -8.95
C ILE B 84 1.71 8.82 -7.53
N LEU B 85 2.97 9.23 -7.33
CA LEU B 85 3.41 9.68 -6.01
C LEU B 85 2.62 10.88 -5.53
N THR B 86 2.33 11.82 -6.44
CA THR B 86 1.48 12.96 -6.09
C THR B 86 0.09 12.48 -5.66
N GLY B 87 -0.50 11.55 -6.42
CA GLY B 87 -1.76 10.97 -6.01
C GLY B 87 -1.66 10.31 -4.65
N ALA B 88 -0.53 9.66 -4.37
CA ALA B 88 -0.33 9.04 -3.07
C ALA B 88 -0.38 10.07 -1.95
N ALA B 89 0.14 11.27 -2.20
CA ALA B 89 0.12 12.31 -1.18
C ALA B 89 -1.29 12.84 -0.97
N GLN B 90 -2.02 13.07 -2.06
CA GLN B 90 -3.42 13.48 -1.96
C GLN B 90 -4.26 12.41 -1.25
N PHE B 91 -3.99 11.14 -1.54
CA PHE B 91 -4.66 10.04 -0.84
C PHE B 91 -4.32 10.04 0.64
N GLU B 92 -3.04 10.22 0.97
CA GLU B 92 -2.63 10.30 2.37
C GLU B 92 -3.29 11.47 3.08
N ALA B 93 -3.54 12.57 2.37
CA ALA B 93 -4.08 13.76 3.00
C ALA B 93 -5.60 13.75 3.09
N ALA B 94 -6.27 13.00 2.23
CA ALA B 94 -7.73 13.00 2.19
C ALA B 94 -8.33 12.14 3.30
N GLU B 95 -9.39 12.64 3.91
CA GLU B 95 -10.13 11.84 4.88
C GLU B 95 -10.66 10.58 4.22
N LYS B 96 -10.34 9.42 4.81
CA LYS B 96 -10.67 8.10 4.31
C LYS B 96 -10.06 7.80 2.94
N GLY B 97 -9.10 8.61 2.49
CA GLY B 97 -8.51 8.43 1.18
C GLY B 97 -9.36 8.92 0.03
N LEU B 98 -10.49 9.56 0.31
CA LEU B 98 -11.39 10.02 -0.74
C LEU B 98 -10.94 11.40 -1.21
N ILE B 99 -10.13 11.41 -2.26
CA ILE B 99 -9.67 12.68 -2.83
C ILE B 99 -10.83 13.34 -3.57
N PRO B 100 -11.09 14.63 -3.39
CA PRO B 100 -12.10 15.32 -4.19
C PRO B 100 -11.92 15.03 -5.67
N TRP B 101 -13.02 14.69 -6.34
CA TRP B 101 -12.96 14.08 -7.66
C TRP B 101 -12.15 14.93 -8.64
N ARG B 102 -12.46 16.21 -8.74
CA ARG B 102 -11.80 17.05 -9.72
C ARG B 102 -10.37 17.40 -9.33
N GLU B 103 -9.98 17.14 -8.08
CA GLU B 103 -8.58 17.29 -7.66
C GLU B 103 -7.74 16.07 -8.02
N ARG B 104 -8.37 14.93 -8.33
CA ARG B 104 -7.61 13.71 -8.60
C ARG B 104 -6.85 13.84 -9.92
N PRO B 105 -5.63 13.30 -9.99
CA PRO B 105 -4.93 13.23 -11.28
C PRO B 105 -5.77 12.48 -12.30
N GLU B 106 -5.56 12.82 -13.58
CA GLU B 106 -6.31 12.17 -14.65
C GLU B 106 -6.18 10.65 -14.58
N ILE B 107 -5.00 10.15 -14.22
CA ILE B 107 -4.81 8.70 -14.18
C ILE B 107 -5.68 8.06 -13.11
N PHE B 108 -5.94 8.77 -12.00
CA PHE B 108 -6.79 8.21 -10.95
C PHE B 108 -8.25 8.24 -11.33
N ARG B 109 -8.67 9.20 -12.16
CA ARG B 109 -10.06 9.27 -12.60
C ARG B 109 -10.37 8.22 -13.68
N LYS B 110 -9.44 7.99 -14.61
CA LYS B 110 -9.75 7.18 -15.79
C LYS B 110 -9.22 5.76 -15.72
N GLN B 111 -8.28 5.46 -14.82
CA GLN B 111 -7.57 4.19 -14.85
C GLN B 111 -7.69 3.43 -13.53
N CYS B 112 -8.64 3.80 -12.69
CA CYS B 112 -8.90 3.02 -11.48
C CYS B 112 -9.60 1.71 -11.87
N LEU B 113 -9.05 0.59 -11.41
CA LEU B 113 -9.61 -0.73 -11.70
C LEU B 113 -10.57 -1.22 -10.63
N ALA B 114 -10.46 -0.70 -9.41
CA ALA B 114 -11.27 -1.18 -8.28
C ALA B 114 -11.02 -0.28 -7.09
N ARG B 115 -12.03 -0.19 -6.23
CA ARG B 115 -11.90 0.40 -4.92
C ARG B 115 -12.61 -0.49 -3.91
N ILE B 116 -12.09 -0.50 -2.68
CA ILE B 116 -12.66 -1.33 -1.61
C ILE B 116 -12.93 -0.43 -0.42
N PRO B 117 -14.08 -0.55 0.23
CA PRO B 117 -14.37 0.28 1.41
C PRO B 117 -13.37 0.04 2.52
N PRO B 118 -13.28 0.94 3.49
CA PRO B 118 -12.36 0.73 4.61
C PRO B 118 -12.75 -0.46 5.48
N GLN B 119 -11.73 -1.12 6.02
CA GLN B 119 -11.93 -2.28 6.87
C GLN B 119 -12.43 -1.85 8.26
N ALA C 2 13.74 15.95 26.65
CA ALA C 2 12.83 15.03 25.98
C ALA C 2 13.34 14.71 24.59
N THR C 3 14.03 13.59 24.46
CA THR C 3 14.71 13.23 23.22
C THR C 3 13.89 12.24 22.43
N THR C 4 13.64 12.57 21.16
CA THR C 4 13.03 11.64 20.21
C THR C 4 14.10 11.15 19.25
N LEU C 5 14.20 9.83 19.10
CA LEU C 5 15.10 9.21 18.15
C LEU C 5 14.24 8.59 17.06
N HIS C 6 14.08 9.31 15.95
CA HIS C 6 13.41 8.75 14.78
C HIS C 6 14.34 7.79 14.06
N VAL C 7 13.79 6.65 13.62
CA VAL C 7 14.54 5.70 12.83
C VAL C 7 13.70 5.33 11.61
N CYS C 8 14.31 5.47 10.43
CA CYS C 8 13.59 5.18 9.20
C CYS C 8 13.49 3.68 8.96
N THR C 9 12.27 3.18 8.75
CA THR C 9 12.05 1.76 8.49
C THR C 9 12.12 1.38 7.02
N THR C 10 12.16 2.36 6.10
CA THR C 10 12.18 2.07 4.67
C THR C 10 13.60 1.99 4.09
N CYS C 11 14.61 2.51 4.80
CA CYS C 11 15.97 2.60 4.27
C CYS C 11 16.45 1.29 3.66
N ARG C 12 17.07 1.39 2.48
CA ARG C 12 17.69 0.27 1.80
C ARG C 12 19.20 0.22 1.97
N GLY C 13 19.86 1.34 2.25
CA GLY C 13 21.27 1.31 2.62
C GLY C 13 22.20 1.44 1.42
N THR C 14 23.35 2.07 1.67
CA THR C 14 24.41 2.28 0.68
C THR C 14 23.90 2.80 -0.66
N GLY C 24 13.80 -10.07 1.97
CA GLY C 24 13.87 -9.98 3.41
C GLY C 24 13.58 -8.59 3.96
N PRO C 25 13.80 -8.40 5.26
CA PRO C 25 13.48 -7.10 5.87
C PRO C 25 14.44 -6.01 5.41
N ARG C 26 13.91 -4.80 5.35
CA ARG C 26 14.72 -3.64 5.01
C ARG C 26 15.80 -3.44 6.07
N PRO C 27 16.99 -2.96 5.67
CA PRO C 27 17.98 -2.57 6.69
C PRO C 27 17.41 -1.57 7.69
N GLY C 28 16.59 -0.63 7.23
CA GLY C 28 15.93 0.29 8.15
C GLY C 28 15.03 -0.42 9.15
N GLU C 29 14.32 -1.45 8.71
CA GLU C 29 13.49 -2.21 9.63
C GLU C 29 14.35 -2.94 10.66
N LEU C 30 15.47 -3.53 10.20
CA LEU C 30 16.36 -4.22 11.12
C LEU C 30 16.95 -3.25 12.14
N LEU C 31 17.32 -2.06 11.68
CA LEU C 31 17.83 -1.04 12.60
C LEU C 31 16.76 -0.64 13.60
N ALA C 32 15.55 -0.32 13.10
CA ALA C 32 14.46 0.06 13.99
C ALA C 32 14.18 -1.03 15.01
N HIS C 33 14.16 -2.29 14.56
CA HIS C 33 13.94 -3.40 15.48
C HIS C 33 15.07 -3.52 16.49
N ALA C 34 16.31 -3.34 16.04
CA ALA C 34 17.45 -3.45 16.95
C ALA C 34 17.40 -2.36 18.02
N LEU C 35 17.03 -1.14 17.63
CA LEU C 35 17.01 -0.02 18.57
C LEU C 35 15.92 -0.21 19.62
N SER C 36 14.70 -0.53 19.19
CA SER C 36 13.57 -0.60 20.12
C SER C 36 13.58 -1.86 20.98
N ALA C 37 14.44 -2.84 20.66
CA ALA C 37 14.58 -4.01 21.53
C ALA C 37 15.46 -3.70 22.73
N LEU C 38 16.56 -2.98 22.51
CA LEU C 38 17.47 -2.55 23.56
C LEU C 38 16.72 -1.79 24.64
N PRO C 39 17.24 -1.72 25.87
CA PRO C 39 16.58 -0.92 26.90
C PRO C 39 16.64 0.56 26.58
N VAL C 40 15.50 1.24 26.65
CA VAL C 40 15.37 2.62 26.24
C VAL C 40 15.91 3.53 27.34
N PRO C 41 16.87 4.41 27.02
CA PRO C 41 17.42 5.29 28.05
C PRO C 41 16.41 6.31 28.53
N GLU C 42 16.69 6.87 29.71
CA GLU C 42 15.78 7.81 30.33
C GLU C 42 15.68 9.09 29.51
N GLY C 43 14.45 9.50 29.20
CA GLY C 43 14.19 10.70 28.44
C GLY C 43 14.19 10.52 26.94
N VAL C 44 14.39 9.30 26.45
CA VAL C 44 14.50 9.01 25.03
C VAL C 44 13.29 8.20 24.61
N THR C 45 12.76 8.49 23.41
CA THR C 45 11.68 7.71 22.82
C THR C 45 12.08 7.36 21.40
N VAL C 46 12.05 6.07 21.07
CA VAL C 46 12.41 5.58 19.75
C VAL C 46 11.14 5.55 18.90
N VAL C 47 11.18 6.22 17.75
CA VAL C 47 9.98 6.37 16.92
C VAL C 47 10.25 5.91 15.49
N PRO C 48 9.71 4.76 15.07
CA PRO C 48 9.83 4.38 13.66
C PRO C 48 9.07 5.33 12.76
N VAL C 49 9.63 5.57 11.57
CA VAL C 49 9.09 6.54 10.64
C VAL C 49 9.30 5.99 9.24
N GLU C 50 8.51 6.48 8.28
CA GLU C 50 8.52 5.91 6.95
CA GLU C 50 8.52 5.92 6.94
C GLU C 50 9.75 6.35 6.15
N CYS C 51 10.15 7.62 6.23
CA CYS C 51 11.25 8.11 5.41
C CYS C 51 11.68 9.46 5.95
N LEU C 52 13.00 9.70 5.96
CA LEU C 52 13.55 10.95 6.47
C LEU C 52 14.19 11.80 5.38
N SER C 53 13.84 11.56 4.11
CA SER C 53 14.34 12.31 2.95
C SER C 53 15.85 12.18 2.77
N ALA C 54 16.48 11.16 3.37
CA ALA C 54 17.89 10.91 3.24
C ALA C 54 18.15 9.55 2.60
N CYS C 55 17.33 9.19 1.60
CA CYS C 55 17.27 7.81 1.11
C CYS C 55 18.58 7.37 0.46
N THR C 56 19.37 8.30 -0.08
CA THR C 56 20.62 7.89 -0.70
C THR C 56 21.72 7.66 0.32
N GLN C 57 21.43 7.89 1.60
CA GLN C 57 22.41 7.79 2.67
C GLN C 57 21.89 6.91 3.81
N GLY C 58 21.13 5.87 3.48
CA GLY C 58 20.61 4.99 4.51
C GLY C 58 21.68 4.07 5.08
N CYS C 59 21.40 3.51 6.25
CA CYS C 59 20.21 3.81 7.05
C CYS C 59 20.30 5.17 7.74
N ALA C 60 19.15 5.77 8.03
CA ALA C 60 19.08 7.12 8.57
C ALA C 60 18.29 7.14 9.87
N VAL C 61 18.77 7.94 10.82
CA VAL C 61 18.06 8.22 12.06
C VAL C 61 18.13 9.72 12.30
N ALA C 62 17.31 10.19 13.24
CA ALA C 62 17.34 11.60 13.62
C ALA C 62 17.17 11.75 15.12
N LEU C 63 17.77 12.81 15.65
CA LEU C 63 17.65 13.19 17.05
C LEU C 63 17.07 14.59 17.12
N SER C 64 16.03 14.77 17.91
CA SER C 64 15.46 16.09 18.12
C SER C 64 14.83 16.14 19.51
N GLY C 65 14.40 17.34 19.89
CA GLY C 65 13.79 17.56 21.16
C GLY C 65 13.46 19.02 21.36
N PRO C 66 12.61 19.31 22.34
CA PRO C 66 12.26 20.71 22.63
C PRO C 66 13.49 21.49 23.05
N GLY C 67 13.74 22.59 22.36
CA GLY C 67 14.86 23.46 22.71
C GLY C 67 16.22 22.88 22.42
N LYS C 68 16.31 21.76 21.69
CA LYS C 68 17.58 21.14 21.40
C LYS C 68 17.93 21.28 19.93
N TRP C 69 19.21 21.10 19.63
CA TRP C 69 19.63 20.90 18.25
C TRP C 69 18.90 19.72 17.63
N SER C 70 18.66 19.79 16.33
CA SER C 70 18.21 18.64 15.56
C SER C 70 19.37 18.10 14.73
N TYR C 71 19.39 16.78 14.55
CA TYR C 71 20.42 16.10 13.78
C TYR C 71 19.80 14.98 12.95
N VAL C 72 20.31 14.80 11.73
CA VAL C 72 20.02 13.62 10.94
C VAL C 72 21.33 12.96 10.57
N TYR C 73 21.45 11.67 10.85
CA TYR C 73 22.63 10.89 10.52
C TYR C 73 22.26 9.83 9.50
N GLY C 74 23.24 9.45 8.68
CA GLY C 74 22.98 8.46 7.66
C GLY C 74 24.08 7.42 7.54
N ARG C 75 24.02 6.63 6.46
CA ARG C 75 24.99 5.58 6.19
C ARG C 75 25.16 4.66 7.39
N LEU C 76 24.12 4.52 8.19
CA LEU C 76 24.18 3.65 9.36
C LEU C 76 23.81 2.22 8.99
N ASP C 77 24.20 1.30 9.85
CA ASP C 77 23.91 -0.13 9.73
C ASP C 77 23.18 -0.60 10.97
N PRO C 78 22.40 -1.69 10.87
CA PRO C 78 21.72 -2.22 12.06
C PRO C 78 22.65 -2.48 13.23
N ARG C 79 23.89 -2.87 12.98
CA ARG C 79 24.82 -3.12 14.08
C ARG C 79 25.21 -1.86 14.83
N ASP C 80 24.92 -0.67 14.30
CA ASP C 80 25.22 0.58 15.00
C ASP C 80 24.22 0.90 16.11
N ALA C 81 23.24 0.02 16.35
CA ALA C 81 22.12 0.34 17.22
C ALA C 81 22.54 0.72 18.62
N ASP C 82 23.54 0.03 19.17
CA ASP C 82 23.96 0.32 20.54
C ASP C 82 24.70 1.66 20.63
N THR C 83 25.62 1.92 19.70
CA THR C 83 26.28 3.22 19.64
C THR C 83 25.25 4.33 19.47
N ILE C 84 24.25 4.10 18.61
CA ILE C 84 23.22 5.11 18.38
C ILE C 84 22.44 5.40 19.66
N LEU C 85 22.07 4.35 20.41
CA LEU C 85 21.33 4.56 21.63
C LEU C 85 22.18 5.25 22.69
N THR C 86 23.48 4.94 22.74
CA THR C 86 24.38 5.64 23.65
C THR C 86 24.41 7.13 23.33
N GLY C 87 24.51 7.46 22.04
CA GLY C 87 24.54 8.86 21.64
C GLY C 87 23.22 9.56 21.86
N ALA C 88 22.10 8.84 21.73
CA ALA C 88 20.82 9.44 22.07
C ALA C 88 20.75 9.82 23.54
N ALA C 89 21.39 9.04 24.41
CA ALA C 89 21.44 9.38 25.82
C ALA C 89 22.26 10.64 26.04
N GLN C 90 23.45 10.71 25.44
CA GLN C 90 24.28 11.91 25.56
C GLN C 90 23.55 13.13 25.03
N PHE C 91 22.77 12.95 23.96
CA PHE C 91 21.99 14.06 23.41
C PHE C 91 20.95 14.54 24.43
N GLU C 92 20.31 13.61 25.13
CA GLU C 92 19.29 13.98 26.11
C GLU C 92 19.89 14.69 27.31
N ALA C 93 21.07 14.24 27.76
CA ALA C 93 21.73 14.89 28.88
C ALA C 93 22.28 16.27 28.52
N ALA C 94 22.87 16.40 27.33
CA ALA C 94 23.60 17.61 26.98
C ALA C 94 22.66 18.81 26.85
N GLU C 95 23.17 19.98 27.24
CA GLU C 95 22.39 21.20 27.12
C GLU C 95 22.11 21.53 25.66
N LYS C 96 20.82 21.68 25.32
CA LYS C 96 20.36 21.95 23.96
C LYS C 96 20.74 20.83 23.00
N GLY C 97 21.05 19.65 23.53
CA GLY C 97 21.44 18.52 22.72
C GLY C 97 22.80 18.61 22.08
N LEU C 98 23.62 19.58 22.49
CA LEU C 98 24.97 19.77 21.95
C LEU C 98 25.92 18.86 22.72
N ILE C 99 26.10 17.64 22.23
CA ILE C 99 27.09 16.75 22.84
C ILE C 99 28.48 17.35 22.64
N PRO C 100 29.31 17.46 23.67
CA PRO C 100 30.69 17.91 23.46
C PRO C 100 31.36 17.09 22.38
N TRP C 101 32.16 17.77 21.55
CA TRP C 101 32.67 17.18 20.32
C TRP C 101 33.44 15.88 20.59
N ARG C 102 34.36 15.92 21.57
CA ARG C 102 35.19 14.74 21.82
C ARG C 102 34.35 13.57 22.30
N GLU C 103 33.32 13.85 23.09
CA GLU C 103 32.50 12.78 23.66
C GLU C 103 31.48 12.23 22.68
N ARG C 104 31.30 12.87 21.53
CA ARG C 104 30.36 12.37 20.54
C ARG C 104 30.83 11.04 19.97
N PRO C 105 29.92 10.12 19.66
CA PRO C 105 30.32 8.92 18.92
C PRO C 105 30.87 9.32 17.57
N GLU C 106 31.84 8.54 17.09
CA GLU C 106 32.45 8.84 15.80
C GLU C 106 31.42 8.94 14.68
N ILE C 107 30.40 8.08 14.70
CA ILE C 107 29.39 8.13 13.65
C ILE C 107 28.65 9.46 13.67
N PHE C 108 28.49 10.06 14.84
CA PHE C 108 27.74 11.32 14.92
C PHE C 108 28.55 12.48 14.34
N ARG C 109 29.87 12.46 14.50
CA ARG C 109 30.69 13.51 13.92
C ARG C 109 30.81 13.34 12.41
N LYS C 110 31.00 12.10 11.94
CA LYS C 110 31.42 11.85 10.57
C LYS C 110 30.28 11.45 9.64
N GLN C 111 29.12 11.09 10.16
CA GLN C 111 28.02 10.62 9.33
C GLN C 111 26.76 11.45 9.53
N CYS C 112 26.94 12.71 9.95
CA CYS C 112 25.82 13.63 10.06
C CYS C 112 25.49 14.22 8.69
N LEU C 113 24.21 14.19 8.33
CA LEU C 113 23.75 14.67 7.02
C LEU C 113 23.12 16.05 7.09
N ALA C 114 22.71 16.47 8.29
CA ALA C 114 21.99 17.72 8.48
C ALA C 114 21.88 17.98 9.98
N ARG C 115 22.04 19.24 10.36
CA ARG C 115 21.75 19.69 11.71
C ARG C 115 21.07 21.03 11.64
N ILE C 116 20.21 21.30 12.63
CA ILE C 116 19.46 22.54 12.69
C ILE C 116 19.64 23.15 14.08
N PRO C 117 20.08 24.40 14.19
CA PRO C 117 20.24 25.00 15.50
C PRO C 117 18.89 25.14 16.19
N PRO C 118 18.88 25.09 17.52
CA PRO C 118 17.66 25.45 18.26
C PRO C 118 17.41 26.94 18.15
N GLN C 119 16.22 27.36 18.58
CA GLN C 119 15.88 28.77 18.54
C GLN C 119 16.27 29.49 19.83
FE1 FES D . -20.63 -1.52 -9.87
FE2 FES D . -19.25 0.73 -10.29
S1 FES D . -18.46 -1.17 -9.64
S2 FES D . -21.32 0.25 -10.89
FE1 FES E . 1.37 -7.14 -12.33
FE2 FES E . 0.01 -9.42 -11.99
S1 FES E . -0.63 -7.37 -11.46
S2 FES E . 1.87 -9.13 -13.10
FE1 FES F . 15.08 5.99 4.68
FE2 FES F . 14.22 7.75 2.83
S1 FES F . 15.51 8.15 4.58
S2 FES F . 13.99 5.54 2.81
#